data_1BH6
#
_entry.id   1BH6
#
_cell.length_a   52.830
_cell.length_b   72.750
_cell.length_c   59.890
_cell.angle_alpha   90.00
_cell.angle_beta   90.00
_cell.angle_gamma   90.00
#
_symmetry.space_group_name_H-M   'P 21 21 21'
#
loop_
_entity.id
_entity.type
_entity.pdbx_description
1 polymer 'SUBTILISIN DY'
2 non-polymer 'CALCIUM ION'
3 non-polymer 'SODIUM ION'
4 non-polymer N-BENZYLOXYCARBONYL-ALA-PRO-3-AMINO-4-PHENYL-BUTAN-2-OL
5 water water
#
_entity_poly.entity_id   1
_entity_poly.type   'polypeptide(L)'
_entity_poly.pdbx_seq_one_letter_code
;AQTVPYGIPLIKADKVQAQGYKGANVKVGIIDTGIASSHTDLKVVGGASFVSGESYNTDGNGHGTHVAGTVAALDNTTGV
LGVAPNVSLYAIKVLNSSGSGSYSAIVSGIEWATQNGLDVINMSLGGPSGSTALKQAVDKAYASGIVVVAAAGNSGNSGS
QNTIGYPAKYDSVIAVGAVDSNKNRASFSSVGSELEVMAPGVSVYSTYPSNTYTSLNGTSMASPHVAGAAALILSKYPTL
SASQVRNRLSSTATNLGDSFYYGKGLINVEAAAQ
;
_entity_poly.pdbx_strand_id   A
#
loop_
_chem_comp.id
_chem_comp.type
_chem_comp.name
_chem_comp.formula
1BH non-polymer N-BENZYLOXYCARBONYL-ALA-PRO-3-AMINO-4-PHENYL-BUTAN-2-OL 'C26 H33 N3 O5'
CA non-polymer 'CALCIUM ION' 'Ca 2'
NA non-polymer 'SODIUM ION' 'Na 1'
#
# COMPACT_ATOMS: atom_id res chain seq x y z
N ALA A 1 -3.09 23.88 -8.93
CA ALA A 1 -3.95 23.63 -7.73
C ALA A 1 -3.93 22.10 -7.48
N GLN A 2 -4.18 21.77 -6.23
CA GLN A 2 -4.15 20.36 -5.78
C GLN A 2 -5.49 19.71 -5.96
N THR A 3 -5.48 18.50 -6.54
CA THR A 3 -6.59 17.62 -6.78
C THR A 3 -6.61 16.56 -5.63
N VAL A 4 -7.83 16.33 -5.13
CA VAL A 4 -7.97 15.30 -4.07
C VAL A 4 -8.67 14.13 -4.80
N PRO A 5 -7.95 13.03 -5.00
CA PRO A 5 -8.48 11.84 -5.68
C PRO A 5 -9.64 11.27 -4.83
N TYR A 6 -10.65 10.68 -5.46
CA TYR A 6 -11.83 10.25 -4.80
C TYR A 6 -11.54 9.27 -3.68
N GLY A 7 -10.41 8.52 -3.73
CA GLY A 7 -10.21 7.50 -2.70
C GLY A 7 -9.99 8.12 -1.33
N ILE A 8 -9.48 9.37 -1.26
CA ILE A 8 -9.20 10.02 0.03
C ILE A 8 -10.46 10.23 0.87
N PRO A 9 -11.50 10.90 0.37
CA PRO A 9 -12.76 11.02 1.04
C PRO A 9 -13.49 9.69 1.12
N LEU A 10 -13.38 8.78 0.11
CA LEU A 10 -14.08 7.52 0.15
C LEU A 10 -13.70 6.69 1.39
N ILE A 11 -12.44 6.72 1.83
CA ILE A 11 -12.03 5.94 3.00
C ILE A 11 -12.05 6.86 4.22
N LYS A 12 -12.53 8.07 4.11
CA LYS A 12 -12.61 9.00 5.24
C LYS A 12 -11.28 9.43 5.76
N ALA A 13 -10.29 9.41 4.85
CA ALA A 13 -8.95 9.89 5.27
C ALA A 13 -8.99 11.41 5.44
N ASP A 14 -9.84 12.11 4.69
CA ASP A 14 -9.90 13.57 4.89
C ASP A 14 -10.32 13.97 6.31
N LYS A 15 -11.23 13.21 6.91
CA LYS A 15 -11.70 13.52 8.26
C LYS A 15 -10.59 13.43 9.24
N VAL A 16 -9.77 12.37 9.06
CA VAL A 16 -8.64 12.17 10.01
C VAL A 16 -7.58 13.22 9.81
N GLN A 17 -7.29 13.59 8.56
CA GLN A 17 -6.31 14.64 8.31
C GLN A 17 -6.83 15.95 8.96
N ALA A 18 -8.14 16.19 8.89
CA ALA A 18 -8.69 17.42 9.47
C ALA A 18 -8.54 17.41 10.97
N GLN A 19 -8.47 16.28 11.60
CA GLN A 19 -8.23 16.22 13.05
C GLN A 19 -6.78 16.60 13.30
N GLY A 20 -5.93 16.72 12.27
CA GLY A 20 -4.56 17.08 12.35
C GLY A 20 -3.60 15.90 12.27
N TYR A 21 -4.06 14.71 11.98
CA TYR A 21 -3.21 13.52 11.91
C TYR A 21 -2.97 13.19 10.43
N LYS A 22 -1.67 13.37 10.06
CA LYS A 22 -1.30 13.20 8.68
C LYS A 22 -0.14 12.26 8.45
N GLY A 23 0.17 11.41 9.42
CA GLY A 23 1.19 10.43 9.21
C GLY A 23 2.54 10.88 9.60
N ALA A 24 2.69 12.03 10.23
CA ALA A 24 4.03 12.46 10.68
C ALA A 24 4.63 11.44 11.68
N ASN A 25 5.96 11.26 11.57
CA ASN A 25 6.79 10.36 12.33
C ASN A 25 6.66 8.89 11.88
N VAL A 26 5.89 8.57 10.84
CA VAL A 26 5.69 7.17 10.51
C VAL A 26 6.53 6.91 9.25
N LYS A 27 7.32 5.86 9.38
CA LYS A 27 8.21 5.52 8.24
C LYS A 27 7.55 4.43 7.42
N VAL A 28 7.31 4.81 6.20
CA VAL A 28 6.60 3.91 5.27
C VAL A 28 7.55 3.42 4.18
N GLY A 29 7.66 2.12 3.95
CA GLY A 29 8.56 1.65 2.85
C GLY A 29 7.66 1.17 1.72
N ILE A 30 7.97 1.66 0.54
CA ILE A 30 7.22 1.30 -0.67
C ILE A 30 8.13 0.25 -1.38
N ILE A 31 7.72 -1.01 -1.38
CA ILE A 31 8.54 -2.07 -1.97
C ILE A 31 7.91 -2.30 -3.37
N ASP A 32 8.66 -1.80 -4.37
CA ASP A 32 8.10 -1.75 -5.73
C ASP A 32 9.20 -1.46 -6.76
N THR A 33 8.85 -0.78 -7.82
CA THR A 33 9.81 -0.46 -8.91
C THR A 33 10.66 0.77 -8.67
N GLY A 34 10.65 1.30 -7.45
CA GLY A 34 11.41 2.47 -7.05
C GLY A 34 10.43 3.64 -6.90
N ILE A 35 10.91 4.83 -6.60
CA ILE A 35 10.03 6.01 -6.55
C ILE A 35 10.83 7.13 -7.32
N ALA A 36 10.15 7.84 -8.20
CA ALA A 36 10.89 8.92 -8.90
C ALA A 36 10.97 10.07 -7.93
N SER A 37 12.01 10.22 -7.14
CA SER A 37 12.19 11.29 -6.15
C SER A 37 12.14 12.70 -6.76
N SER A 38 12.47 12.81 -8.00
CA SER A 38 12.41 13.97 -8.86
C SER A 38 10.99 14.59 -8.84
N HIS A 39 9.98 13.75 -8.56
CA HIS A 39 8.61 14.27 -8.54
C HIS A 39 8.44 15.37 -7.52
N THR A 40 7.87 16.51 -8.00
CA THR A 40 7.65 17.66 -7.14
C THR A 40 6.64 17.41 -5.99
N ASP A 41 5.78 16.39 -6.19
CA ASP A 41 4.76 16.15 -5.13
C ASP A 41 5.16 15.03 -4.17
N LEU A 42 6.39 14.58 -4.13
CA LEU A 42 6.79 13.48 -3.27
C LEU A 42 8.08 13.88 -2.60
N LYS A 43 8.31 13.43 -1.41
CA LYS A 43 9.56 13.64 -0.66
C LYS A 43 10.02 12.24 -0.19
N VAL A 44 11.10 11.77 -0.84
CA VAL A 44 11.67 10.45 -0.51
C VAL A 44 12.83 10.68 0.44
N VAL A 45 12.82 10.10 1.63
CA VAL A 45 13.93 10.39 2.55
C VAL A 45 14.99 9.35 2.58
N GLY A 46 14.79 8.15 2.03
CA GLY A 46 15.83 7.12 2.10
C GLY A 46 15.29 5.93 1.32
N GLY A 47 16.08 4.85 1.40
CA GLY A 47 15.65 3.66 0.67
C GLY A 47 16.87 2.80 0.35
N ALA A 48 16.57 1.79 -0.44
CA ALA A 48 17.61 0.84 -0.88
C ALA A 48 17.14 0.23 -2.21
N SER A 49 18.14 -0.11 -3.06
CA SER A 49 17.84 -0.77 -4.32
C SER A 49 18.42 -2.17 -4.34
N PHE A 50 17.62 -3.18 -4.66
CA PHE A 50 18.12 -4.54 -4.74
C PHE A 50 18.09 -4.99 -6.23
N VAL A 51 18.10 -4.02 -7.13
CA VAL A 51 18.06 -4.23 -8.58
C VAL A 51 19.38 -3.60 -9.08
N SER A 52 20.16 -4.56 -9.63
CA SER A 52 21.50 -4.15 -10.09
C SER A 52 21.41 -3.09 -11.20
N GLY A 53 22.24 -2.07 -11.00
CA GLY A 53 22.32 -1.00 -11.96
C GLY A 53 21.30 0.09 -11.78
N GLU A 54 20.24 -0.12 -10.98
CA GLU A 54 19.23 0.95 -10.83
C GLU A 54 19.29 1.43 -9.38
N SER A 55 19.19 2.73 -9.13
CA SER A 55 19.21 3.19 -7.73
C SER A 55 17.70 3.27 -7.31
N TYR A 56 17.54 3.51 -6.01
CA TYR A 56 16.14 3.41 -5.57
C TYR A 56 15.29 4.64 -5.80
N ASN A 57 15.92 5.80 -6.05
CA ASN A 57 15.24 7.08 -6.20
C ASN A 57 14.91 7.39 -7.62
N THR A 58 14.95 6.35 -8.48
CA THR A 58 14.49 6.51 -9.83
C THR A 58 13.40 5.40 -10.03
N ASP A 59 12.54 5.67 -10.98
CA ASP A 59 11.52 4.73 -11.28
C ASP A 59 11.24 4.82 -12.82
N GLY A 60 11.71 3.80 -13.56
CA GLY A 60 11.46 3.76 -14.98
C GLY A 60 10.24 2.95 -15.41
N ASN A 61 9.47 2.46 -14.46
CA ASN A 61 8.25 1.71 -14.71
C ASN A 61 7.08 2.64 -14.45
N GLY A 62 7.06 3.24 -13.22
CA GLY A 62 6.00 4.19 -12.86
C GLY A 62 5.14 3.61 -11.75
N HIS A 63 5.13 2.29 -11.62
CA HIS A 63 4.21 1.69 -10.63
C HIS A 63 4.56 2.15 -9.22
N GLY A 64 5.83 2.09 -8.83
CA GLY A 64 6.15 2.45 -7.47
C GLY A 64 5.87 3.93 -7.21
N THR A 65 6.08 4.80 -8.17
CA THR A 65 5.87 6.24 -7.99
C THR A 65 4.35 6.50 -7.82
N HIS A 66 3.49 5.81 -8.52
CA HIS A 66 2.05 5.92 -8.48
C HIS A 66 1.57 5.46 -7.08
N VAL A 67 2.06 4.31 -6.69
CA VAL A 67 1.70 3.73 -5.34
C VAL A 67 2.19 4.72 -4.25
N ALA A 68 3.37 5.25 -4.34
CA ALA A 68 3.92 6.19 -3.40
C ALA A 68 3.04 7.44 -3.29
N GLY A 69 2.56 8.03 -4.36
CA GLY A 69 1.74 9.24 -4.35
C GLY A 69 0.41 8.95 -3.64
N THR A 70 -0.15 7.72 -3.74
CA THR A 70 -1.45 7.44 -3.01
C THR A 70 -1.20 7.44 -1.52
N VAL A 71 -0.05 6.93 -1.02
CA VAL A 71 0.21 7.01 0.42
C VAL A 71 0.53 8.44 0.86
N ALA A 72 1.43 9.14 0.06
CA ALA A 72 2.08 10.32 0.55
C ALA A 72 2.32 11.52 -0.32
N ALA A 73 1.50 11.69 -1.38
CA ALA A 73 1.74 12.94 -2.19
C ALA A 73 1.55 14.09 -1.20
N LEU A 74 2.45 15.04 -1.29
CA LEU A 74 2.43 16.18 -0.37
C LEU A 74 1.20 17.03 -0.41
N ASP A 75 0.85 17.57 0.69
CA ASP A 75 -0.34 18.46 0.78
C ASP A 75 0.23 19.91 0.58
N ASN A 76 -0.05 20.41 -0.60
CA ASN A 76 0.51 21.73 -0.98
C ASN A 76 -0.45 22.31 -1.99
N THR A 77 0.03 23.05 -3.00
CA THR A 77 -0.99 23.61 -3.95
C THR A 77 -0.83 23.04 -5.34
N THR A 78 -0.31 21.81 -5.41
CA THR A 78 -0.06 21.19 -6.68
C THR A 78 -0.34 19.69 -6.60
N GLY A 79 -0.48 19.08 -7.72
CA GLY A 79 -0.65 17.64 -7.87
C GLY A 79 -1.85 17.06 -7.19
N VAL A 80 -1.59 16.01 -6.37
CA VAL A 80 -2.71 15.30 -5.72
C VAL A 80 -2.40 15.33 -4.24
N LEU A 81 -3.17 14.60 -3.45
CA LEU A 81 -2.93 14.61 -1.97
C LEU A 81 -2.84 13.15 -1.49
N GLY A 82 -1.89 12.77 -0.70
CA GLY A 82 -1.86 11.36 -0.28
C GLY A 82 -2.78 11.11 0.88
N VAL A 83 -2.94 9.81 1.19
CA VAL A 83 -3.71 9.46 2.39
C VAL A 83 -2.99 9.99 3.62
N ALA A 84 -1.64 9.98 3.68
CA ALA A 84 -0.84 10.32 4.87
C ALA A 84 0.33 11.13 4.35
N PRO A 85 0.07 12.39 4.04
CA PRO A 85 1.01 13.26 3.39
C PRO A 85 2.28 13.57 4.13
N ASN A 86 2.28 13.37 5.42
CA ASN A 86 3.50 13.72 6.18
C ASN A 86 4.37 12.55 6.59
N VAL A 87 4.10 11.36 6.02
CA VAL A 87 4.95 10.22 6.37
C VAL A 87 6.40 10.43 5.87
N SER A 88 7.31 9.66 6.44
CA SER A 88 8.71 9.65 5.92
C SER A 88 8.68 8.44 4.92
N LEU A 89 8.91 8.74 3.68
CA LEU A 89 8.78 7.79 2.62
C LEU A 89 10.11 7.17 2.26
N TYR A 90 10.17 5.87 2.15
CA TYR A 90 11.38 5.13 1.75
C TYR A 90 11.10 4.39 0.44
N ALA A 91 11.98 4.48 -0.54
CA ALA A 91 11.86 3.78 -1.82
C ALA A 91 12.64 2.45 -1.74
N ILE A 92 11.99 1.30 -1.74
CA ILE A 92 12.76 0.03 -1.67
C ILE A 92 12.59 -0.62 -3.03
N LYS A 93 13.65 -0.48 -3.85
CA LYS A 93 13.48 -0.95 -5.24
C LYS A 93 13.87 -2.42 -5.35
N VAL A 94 12.82 -3.21 -5.69
CA VAL A 94 13.01 -4.66 -5.81
C VAL A 94 12.59 -5.16 -7.16
N LEU A 95 11.91 -4.35 -7.98
CA LEU A 95 11.50 -4.69 -9.31
C LEU A 95 12.23 -3.76 -10.28
N ASN A 96 12.64 -4.35 -11.43
CA ASN A 96 13.31 -3.44 -12.38
C ASN A 96 12.25 -2.69 -13.17
N SER A 97 12.69 -1.80 -14.11
CA SER A 97 11.78 -1.03 -14.92
C SER A 97 10.88 -1.79 -15.86
N SER A 98 11.18 -3.07 -16.21
CA SER A 98 10.23 -3.85 -16.96
C SER A 98 9.23 -4.54 -16.02
N GLY A 99 9.19 -4.24 -14.72
CA GLY A 99 8.32 -4.93 -13.78
C GLY A 99 8.78 -6.33 -13.42
N SER A 100 10.04 -6.78 -13.48
CA SER A 100 10.45 -8.10 -13.12
C SER A 100 11.39 -7.94 -11.88
N GLY A 101 11.11 -8.91 -11.03
CA GLY A 101 11.97 -9.01 -9.82
C GLY A 101 12.07 -10.50 -9.44
N SER A 102 13.11 -10.71 -8.67
CA SER A 102 13.47 -12.05 -8.15
C SER A 102 12.95 -12.26 -6.76
N TYR A 103 12.78 -13.49 -6.26
CA TYR A 103 12.35 -13.66 -4.88
C TYR A 103 13.44 -13.08 -3.95
N SER A 104 14.70 -13.31 -4.44
CA SER A 104 15.72 -12.84 -3.51
C SER A 104 15.72 -11.31 -3.38
N ALA A 105 15.48 -10.54 -4.42
CA ALA A 105 15.40 -9.08 -4.28
C ALA A 105 14.31 -8.73 -3.27
N ILE A 106 13.16 -9.35 -3.40
CA ILE A 106 11.99 -9.07 -2.58
C ILE A 106 12.22 -9.37 -1.15
N VAL A 107 12.83 -10.51 -0.89
CA VAL A 107 13.16 -10.83 0.48
C VAL A 107 14.16 -9.83 1.04
N SER A 108 15.14 -9.42 0.20
CA SER A 108 16.15 -8.48 0.80
C SER A 108 15.52 -7.12 1.10
N GLY A 109 14.58 -6.74 0.18
CA GLY A 109 13.88 -5.43 0.37
C GLY A 109 13.08 -5.47 1.70
N ILE A 110 12.39 -6.61 2.03
CA ILE A 110 11.62 -6.70 3.29
C ILE A 110 12.55 -6.70 4.48
N GLU A 111 13.67 -7.50 4.31
CA GLU A 111 14.62 -7.53 5.45
C GLU A 111 15.24 -6.18 5.72
N TRP A 112 15.51 -5.43 4.66
CA TRP A 112 16.06 -4.09 4.80
C TRP A 112 15.09 -3.23 5.62
N ALA A 113 13.78 -3.27 5.27
CA ALA A 113 12.82 -2.48 6.05
C ALA A 113 12.80 -2.90 7.52
N THR A 114 12.89 -4.21 7.81
CA THR A 114 12.83 -4.73 9.16
C THR A 114 14.08 -4.26 9.90
N GLN A 115 15.25 -4.39 9.22
CA GLN A 115 16.52 -3.98 9.92
C GLN A 115 16.62 -2.48 10.16
N ASN A 116 15.94 -1.69 9.32
CA ASN A 116 15.99 -0.25 9.42
C ASN A 116 14.86 0.33 10.25
N GLY A 117 14.04 -0.45 10.91
CA GLY A 117 13.01 0.05 11.77
C GLY A 117 11.82 0.82 11.14
N LEU A 118 11.45 0.39 9.92
CA LEU A 118 10.32 1.09 9.26
C LEU A 118 9.06 0.65 10.03
N ASP A 119 8.01 1.46 9.91
CA ASP A 119 6.75 1.18 10.65
C ASP A 119 5.71 0.45 9.79
N VAL A 120 5.74 0.76 8.50
CA VAL A 120 4.71 0.18 7.65
C VAL A 120 5.41 -0.17 6.32
N ILE A 121 5.03 -1.31 5.73
CA ILE A 121 5.59 -1.58 4.38
C ILE A 121 4.38 -1.97 3.47
N ASN A 122 4.56 -1.44 2.28
CA ASN A 122 3.48 -1.68 1.27
C ASN A 122 4.14 -2.45 0.12
N MET A 123 3.51 -3.58 -0.22
CA MET A 123 3.99 -4.37 -1.33
C MET A 123 2.83 -4.52 -2.36
N SER A 124 2.82 -3.61 -3.35
CA SER A 124 1.83 -3.71 -4.41
C SER A 124 2.43 -4.63 -5.50
N LEU A 125 2.63 -5.91 -5.16
CA LEU A 125 3.29 -6.81 -6.14
C LEU A 125 2.95 -8.23 -5.67
N GLY A 126 3.15 -9.22 -6.57
CA GLY A 126 2.84 -10.55 -5.99
C GLY A 126 3.09 -11.55 -7.13
N GLY A 127 2.97 -12.79 -6.73
CA GLY A 127 3.18 -13.85 -7.69
C GLY A 127 2.27 -14.99 -7.23
N PRO A 128 2.07 -15.92 -8.16
CA PRO A 128 1.27 -17.13 -7.93
C PRO A 128 1.84 -18.09 -6.90
N SER A 129 3.16 -18.05 -6.64
CA SER A 129 3.73 -18.97 -5.66
C SER A 129 4.65 -18.18 -4.70
N GLY A 130 4.72 -18.71 -3.45
CA GLY A 130 5.55 -18.00 -2.48
C GLY A 130 6.80 -18.85 -2.28
N SER A 131 7.47 -18.56 -1.16
CA SER A 131 8.69 -19.32 -0.90
C SER A 131 8.91 -19.30 0.56
N THR A 132 9.72 -20.24 1.07
CA THR A 132 9.95 -20.22 2.52
C THR A 132 10.65 -18.92 2.94
N ALA A 133 11.59 -18.50 2.12
CA ALA A 133 12.36 -17.33 2.50
C ALA A 133 11.43 -16.10 2.47
N LEU A 134 10.51 -16.14 1.45
CA LEU A 134 9.55 -14.96 1.41
C LEU A 134 8.65 -15.00 2.61
N LYS A 135 8.12 -16.19 2.98
CA LYS A 135 7.29 -16.30 4.16
C LYS A 135 8.03 -15.91 5.44
N GLN A 136 9.27 -16.39 5.66
CA GLN A 136 10.01 -16.05 6.86
C GLN A 136 10.24 -14.51 6.92
N ALA A 137 10.55 -13.88 5.81
CA ALA A 137 10.78 -12.43 5.81
C ALA A 137 9.54 -11.66 6.23
N VAL A 138 8.35 -11.99 5.65
CA VAL A 138 7.14 -11.23 6.09
C VAL A 138 6.80 -11.50 7.51
N ASP A 139 6.92 -12.79 7.94
CA ASP A 139 6.54 -13.09 9.33
C ASP A 139 7.44 -12.41 10.34
N LYS A 140 8.75 -12.26 9.99
CA LYS A 140 9.66 -11.56 10.84
C LYS A 140 9.36 -10.06 10.83
N ALA A 141 9.01 -9.50 9.69
CA ALA A 141 8.66 -8.06 9.71
C ALA A 141 7.46 -7.85 10.58
N TYR A 142 6.41 -8.67 10.43
CA TYR A 142 5.22 -8.43 11.27
C TYR A 142 5.45 -8.66 12.74
N ALA A 143 6.20 -9.74 13.01
CA ALA A 143 6.51 -10.09 14.42
C ALA A 143 7.35 -8.96 15.04
N SER A 144 8.19 -8.27 14.25
CA SER A 144 9.01 -7.16 14.76
C SER A 144 8.20 -5.91 14.98
N GLY A 145 6.94 -5.89 14.57
CA GLY A 145 6.04 -4.78 14.80
C GLY A 145 5.77 -3.92 13.57
N ILE A 146 6.10 -4.43 12.40
CA ILE A 146 5.81 -3.67 11.17
C ILE A 146 4.44 -4.07 10.61
N VAL A 147 3.66 -3.04 10.22
CA VAL A 147 2.37 -3.32 9.54
C VAL A 147 2.76 -3.65 8.08
N VAL A 148 2.45 -4.86 7.65
CA VAL A 148 2.79 -5.32 6.29
C VAL A 148 1.54 -5.38 5.42
N VAL A 149 1.42 -4.60 4.37
CA VAL A 149 0.24 -4.50 3.52
C VAL A 149 0.59 -4.92 2.11
N ALA A 150 -0.28 -5.69 1.42
CA ALA A 150 0.02 -6.05 0.06
C ALA A 150 -1.20 -6.07 -0.81
N ALA A 151 -1.04 -5.85 -2.10
CA ALA A 151 -2.12 -5.91 -3.09
C ALA A 151 -2.52 -7.42 -3.21
N ALA A 152 -3.79 -7.75 -3.19
CA ALA A 152 -4.27 -9.11 -3.24
C ALA A 152 -3.97 -9.75 -4.59
N GLY A 153 -3.94 -8.97 -5.65
CA GLY A 153 -3.78 -9.62 -6.97
C GLY A 153 -4.86 -9.10 -7.91
N ASN A 154 -4.57 -9.16 -9.21
CA ASN A 154 -5.44 -8.63 -10.24
C ASN A 154 -5.90 -9.77 -11.19
N SER A 155 -6.19 -10.87 -10.53
CA SER A 155 -6.62 -12.07 -11.24
C SER A 155 -8.12 -12.33 -11.20
N GLY A 156 -8.97 -11.53 -10.63
CA GLY A 156 -10.37 -11.80 -10.70
C GLY A 156 -10.71 -13.06 -9.96
N ASN A 157 -11.85 -13.68 -10.40
CA ASN A 157 -12.13 -14.94 -9.68
C ASN A 157 -12.29 -16.03 -10.68
N SER A 158 -12.28 -17.26 -10.23
CA SER A 158 -12.38 -18.36 -11.27
C SER A 158 -13.07 -19.46 -10.47
N GLY A 159 -14.38 -19.24 -10.52
CA GLY A 159 -15.32 -20.08 -9.80
C GLY A 159 -15.13 -19.95 -8.29
N SER A 160 -14.64 -21.05 -7.77
CA SER A 160 -14.38 -21.31 -6.37
C SER A 160 -12.90 -21.05 -6.00
N GLN A 161 -12.16 -20.86 -7.07
CA GLN A 161 -10.74 -20.71 -6.99
C GLN A 161 -10.35 -19.43 -6.21
N ASN A 162 -9.36 -19.62 -5.35
CA ASN A 162 -8.76 -18.53 -4.59
C ASN A 162 -7.69 -17.97 -5.50
N THR A 163 -7.70 -16.72 -5.87
CA THR A 163 -6.72 -16.14 -6.74
C THR A 163 -5.77 -15.10 -6.03
N ILE A 164 -5.73 -15.15 -4.73
CA ILE A 164 -4.86 -14.23 -3.99
C ILE A 164 -3.39 -14.57 -4.25
N GLY A 165 -2.54 -13.58 -4.55
CA GLY A 165 -1.12 -13.79 -4.81
C GLY A 165 -0.33 -13.81 -3.54
N TYR A 166 0.93 -14.12 -3.67
CA TYR A 166 1.85 -14.04 -2.50
C TYR A 166 2.69 -12.76 -2.77
N PRO A 167 3.02 -12.02 -1.76
CA PRO A 167 2.84 -12.34 -0.36
C PRO A 167 1.53 -12.03 0.36
N ALA A 168 0.53 -11.43 -0.31
CA ALA A 168 -0.73 -11.08 0.30
C ALA A 168 -1.35 -12.31 1.00
N LYS A 169 -1.19 -13.50 0.39
CA LYS A 169 -1.86 -14.65 1.01
C LYS A 169 -1.34 -15.03 2.39
N TYR A 170 -0.12 -14.68 2.78
CA TYR A 170 0.45 -14.99 4.08
C TYR A 170 -0.35 -14.28 5.14
N ASP A 171 -0.53 -14.94 6.29
CA ASP A 171 -1.31 -14.43 7.38
C ASP A 171 -0.67 -13.21 8.04
N SER A 172 0.62 -13.00 7.87
CA SER A 172 1.25 -11.80 8.49
C SER A 172 1.10 -10.59 7.57
N VAL A 173 0.43 -10.79 6.44
CA VAL A 173 0.34 -9.67 5.47
C VAL A 173 -1.09 -9.30 5.22
N ILE A 174 -1.48 -8.02 5.28
CA ILE A 174 -2.88 -7.65 5.02
C ILE A 174 -3.13 -7.73 3.50
N ALA A 175 -4.10 -8.51 3.07
CA ALA A 175 -4.37 -8.66 1.65
C ALA A 175 -5.49 -7.66 1.31
N VAL A 176 -5.22 -6.76 0.35
CA VAL A 176 -6.16 -5.69 -0.01
C VAL A 176 -6.67 -5.85 -1.41
N GLY A 177 -7.99 -5.86 -1.53
CA GLY A 177 -8.72 -5.94 -2.77
C GLY A 177 -9.14 -4.54 -3.23
N ALA A 178 -9.70 -4.41 -4.42
CA ALA A 178 -10.01 -3.13 -5.03
C ALA A 178 -11.48 -2.90 -5.31
N VAL A 179 -11.97 -1.71 -5.00
CA VAL A 179 -13.35 -1.31 -5.29
C VAL A 179 -13.22 -0.06 -6.12
N ASP A 180 -14.31 0.30 -6.77
CA ASP A 180 -14.34 1.56 -7.53
C ASP A 180 -14.98 2.63 -6.61
N SER A 181 -15.21 3.81 -7.22
CA SER A 181 -15.77 4.93 -6.51
C SER A 181 -17.20 4.70 -6.05
N ASN A 182 -17.92 3.69 -6.52
CA ASN A 182 -19.30 3.35 -6.14
C ASN A 182 -19.31 2.17 -5.22
N LYS A 183 -18.09 1.77 -4.79
CA LYS A 183 -17.93 0.66 -3.87
C LYS A 183 -18.17 -0.69 -4.49
N ASN A 184 -18.15 -0.73 -5.82
CA ASN A 184 -18.26 -2.07 -6.45
C ASN A 184 -16.87 -2.76 -6.41
N ARG A 185 -16.78 -4.05 -6.16
CA ARG A 185 -15.54 -4.76 -6.30
C ARG A 185 -15.15 -4.66 -7.78
N ALA A 186 -13.91 -4.32 -8.06
CA ALA A 186 -13.39 -4.31 -9.45
C ALA A 186 -13.39 -5.70 -10.04
N SER A 187 -13.74 -5.89 -11.34
CA SER A 187 -13.72 -7.24 -11.96
C SER A 187 -12.41 -7.95 -11.89
N PHE A 188 -11.28 -7.25 -11.89
CA PHE A 188 -9.97 -7.83 -11.79
C PHE A 188 -9.46 -8.15 -10.33
N SER A 189 -10.16 -7.68 -9.32
CA SER A 189 -9.68 -7.89 -7.94
C SER A 189 -9.74 -9.37 -7.59
N SER A 190 -8.58 -9.85 -7.18
CA SER A 190 -8.45 -11.26 -6.68
C SER A 190 -9.32 -11.63 -5.49
N VAL A 191 -9.71 -12.92 -5.39
CA VAL A 191 -10.67 -13.35 -4.38
C VAL A 191 -10.13 -14.55 -3.58
N GLY A 192 -10.65 -14.72 -2.38
CA GLY A 192 -10.09 -15.89 -1.64
C GLY A 192 -10.37 -15.59 -0.22
N SER A 193 -10.18 -16.66 0.60
CA SER A 193 -10.49 -16.46 2.04
C SER A 193 -9.45 -15.57 2.72
N GLU A 194 -8.27 -15.41 2.13
CA GLU A 194 -7.33 -14.52 2.86
C GLU A 194 -7.60 -13.00 2.64
N LEU A 195 -8.51 -12.67 1.72
CA LEU A 195 -8.88 -11.30 1.42
C LEU A 195 -9.37 -10.66 2.70
N GLU A 196 -8.74 -9.51 3.02
CA GLU A 196 -8.97 -8.91 4.32
C GLU A 196 -9.72 -7.61 4.28
N VAL A 197 -9.32 -6.63 3.44
CA VAL A 197 -10.07 -5.37 3.37
C VAL A 197 -10.04 -4.95 1.89
N MET A 198 -10.84 -3.97 1.56
CA MET A 198 -10.99 -3.38 0.24
C MET A 198 -10.57 -1.91 0.31
N ALA A 199 -10.13 -1.34 -0.79
CA ALA A 199 -9.80 0.09 -0.88
C ALA A 199 -9.93 0.45 -2.37
N PRO A 200 -10.01 1.73 -2.65
CA PRO A 200 -10.13 2.22 -4.03
C PRO A 200 -8.98 1.71 -4.88
N GLY A 201 -9.33 1.04 -6.00
CA GLY A 201 -8.32 0.52 -6.93
C GLY A 201 -8.66 0.77 -8.36
N VAL A 202 -9.73 1.54 -8.67
CA VAL A 202 -10.18 1.74 -10.07
C VAL A 202 -10.09 3.23 -10.34
N SER A 203 -9.36 3.54 -11.42
CA SER A 203 -9.09 4.87 -11.87
C SER A 203 -8.58 5.75 -10.74
N VAL A 204 -7.50 5.35 -10.10
CA VAL A 204 -6.87 6.07 -9.00
C VAL A 204 -5.83 6.98 -9.60
N TYR A 205 -6.05 8.26 -9.36
CA TYR A 205 -5.18 9.28 -9.93
C TYR A 205 -4.03 9.52 -9.00
N SER A 206 -2.79 9.47 -9.45
CA SER A 206 -1.71 9.75 -8.49
C SER A 206 -0.49 10.18 -9.30
N THR A 207 0.61 10.34 -8.60
CA THR A 207 1.92 10.76 -9.16
C THR A 207 2.48 9.72 -10.15
N TYR A 208 3.23 10.18 -11.15
CA TYR A 208 3.80 9.29 -12.18
C TYR A 208 5.14 9.95 -12.63
N PRO A 209 6.15 9.18 -12.99
CA PRO A 209 7.44 9.73 -13.37
C PRO A 209 7.21 10.52 -14.68
N SER A 210 8.00 11.57 -14.87
CA SER A 210 9.02 12.00 -13.91
C SER A 210 8.41 13.01 -12.92
N ASN A 211 7.44 13.77 -13.50
CA ASN A 211 6.78 14.80 -12.68
C ASN A 211 5.37 15.04 -13.18
N THR A 212 4.66 13.93 -13.46
CA THR A 212 3.31 14.03 -13.98
C THR A 212 2.32 13.22 -13.15
N TYR A 213 1.08 12.99 -13.57
CA TYR A 213 0.02 12.33 -12.86
C TYR A 213 -0.73 11.46 -13.81
N THR A 214 -1.31 10.35 -13.35
CA THR A 214 -2.04 9.52 -14.31
C THR A 214 -2.98 8.63 -13.48
N SER A 215 -3.97 8.10 -14.15
CA SER A 215 -4.92 7.23 -13.49
C SER A 215 -4.57 5.78 -13.74
N LEU A 216 -4.48 4.92 -12.76
CA LEU A 216 -4.21 3.51 -13.03
C LEU A 216 -5.25 2.66 -12.30
N ASN A 217 -5.41 1.41 -12.77
CA ASN A 217 -6.28 0.48 -12.10
C ASN A 217 -5.44 -0.67 -11.55
N GLY A 218 -5.80 -1.13 -10.37
CA GLY A 218 -5.11 -2.28 -9.84
C GLY A 218 -5.35 -2.45 -8.37
N THR A 219 -5.14 -3.66 -7.88
CA THR A 219 -5.13 -3.84 -6.42
C THR A 219 -3.85 -3.14 -5.97
N SER A 220 -2.85 -2.82 -6.83
CA SER A 220 -1.67 -2.06 -6.42
C SER A 220 -1.99 -0.65 -5.92
N MET A 221 -3.14 -0.15 -6.50
CA MET A 221 -3.62 1.20 -6.14
C MET A 221 -4.40 1.13 -4.83
N ALA A 222 -5.00 -0.01 -4.56
CA ALA A 222 -5.78 -0.17 -3.32
C ALA A 222 -4.89 -0.28 -2.12
N SER A 223 -3.93 -1.16 -2.18
CA SER A 223 -2.96 -1.40 -1.10
C SER A 223 -2.46 -0.12 -0.50
N PRO A 224 -1.94 0.89 -1.17
CA PRO A 224 -1.41 2.10 -0.58
C PRO A 224 -2.43 2.91 0.23
N HIS A 225 -3.69 2.76 -0.08
CA HIS A 225 -4.72 3.49 0.75
C HIS A 225 -4.74 2.89 2.16
N VAL A 226 -4.53 1.55 2.18
CA VAL A 226 -4.47 0.82 3.47
C VAL A 226 -3.15 1.10 4.19
N ALA A 227 -2.00 1.10 3.49
CA ALA A 227 -0.74 1.44 4.21
C ALA A 227 -0.83 2.91 4.70
N GLY A 228 -1.40 3.85 3.92
CA GLY A 228 -1.52 5.22 4.36
C GLY A 228 -2.51 5.24 5.54
N ALA A 229 -3.63 4.52 5.49
CA ALA A 229 -4.56 4.48 6.67
C ALA A 229 -3.81 4.00 7.92
N ALA A 230 -2.94 3.02 7.85
CA ALA A 230 -2.13 2.50 8.97
C ALA A 230 -1.21 3.63 9.50
N ALA A 231 -0.61 4.42 8.57
CA ALA A 231 0.25 5.54 9.02
C ALA A 231 -0.55 6.61 9.73
N LEU A 232 -1.79 6.92 9.28
CA LEU A 232 -2.61 7.91 9.96
C LEU A 232 -2.92 7.40 11.39
N ILE A 233 -3.29 6.16 11.54
CA ILE A 233 -3.56 5.56 12.84
C ILE A 233 -2.33 5.68 13.73
N LEU A 234 -1.17 5.26 13.24
CA LEU A 234 0.08 5.39 14.09
C LEU A 234 0.46 6.81 14.39
N SER A 235 0.10 7.78 13.49
CA SER A 235 0.45 9.17 13.86
C SER A 235 -0.44 9.65 15.00
N LYS A 236 -1.64 9.10 15.19
CA LYS A 236 -2.54 9.47 16.25
C LYS A 236 -2.24 8.67 17.52
N TYR A 237 -1.95 7.36 17.41
CA TYR A 237 -1.63 6.52 18.55
C TYR A 237 -0.28 5.82 18.20
N PRO A 238 0.81 6.54 18.40
CA PRO A 238 2.12 6.13 18.04
C PRO A 238 2.62 4.85 18.62
N THR A 239 2.13 4.37 19.76
CA THR A 239 2.70 3.22 20.46
C THR A 239 1.91 1.96 20.24
N LEU A 240 0.84 2.01 19.37
CA LEU A 240 0.08 0.82 19.07
C LEU A 240 0.89 -0.28 18.42
N SER A 241 0.56 -1.55 18.66
CA SER A 241 1.28 -2.61 17.95
C SER A 241 0.72 -2.86 16.52
N ALA A 242 1.47 -3.56 15.68
CA ALA A 242 1.06 -3.86 14.33
C ALA A 242 -0.30 -4.55 14.33
N SER A 243 -0.48 -5.50 15.27
CA SER A 243 -1.76 -6.21 15.29
C SER A 243 -2.87 -5.33 15.82
N GLN A 244 -2.69 -4.34 16.68
CA GLN A 244 -3.73 -3.41 17.06
C GLN A 244 -4.12 -2.55 15.86
N VAL A 245 -3.15 -2.02 15.09
CA VAL A 245 -3.45 -1.23 13.88
C VAL A 245 -4.22 -2.11 12.88
N ARG A 246 -3.77 -3.33 12.68
CA ARG A 246 -4.45 -4.24 11.73
C ARG A 246 -5.87 -4.53 12.16
N ASN A 247 -6.12 -4.81 13.43
CA ASN A 247 -7.51 -5.08 13.89
C ASN A 247 -8.39 -3.88 13.81
N ARG A 248 -7.88 -2.64 14.06
CA ARG A 248 -8.70 -1.43 13.92
C ARG A 248 -9.19 -1.25 12.48
N LEU A 249 -8.29 -1.59 11.50
CA LEU A 249 -8.73 -1.36 10.11
C LEU A 249 -9.76 -2.39 9.66
N SER A 250 -9.58 -3.68 10.10
CA SER A 250 -10.56 -4.65 9.57
C SER A 250 -11.83 -4.68 10.38
N SER A 251 -11.68 -4.37 11.72
CA SER A 251 -12.83 -4.41 12.59
C SER A 251 -13.74 -3.26 12.30
N THR A 252 -13.35 -2.16 11.71
CA THR A 252 -14.21 -1.03 11.49
C THR A 252 -14.54 -0.86 10.02
N ALA A 253 -14.13 -1.85 9.20
CA ALA A 253 -14.40 -1.72 7.78
C ALA A 253 -15.90 -1.74 7.47
N THR A 254 -16.34 -1.09 6.43
CA THR A 254 -17.77 -1.11 6.07
C THR A 254 -18.02 -2.36 5.25
N ASN A 255 -18.83 -3.28 5.76
CA ASN A 255 -19.18 -4.54 5.14
C ASN A 255 -19.82 -4.33 3.77
N LEU A 256 -19.27 -5.04 2.77
CA LEU A 256 -19.78 -4.80 1.43
C LEU A 256 -20.37 -6.09 0.86
N GLY A 257 -20.19 -7.20 1.57
CA GLY A 257 -20.68 -8.43 0.94
C GLY A 257 -19.85 -9.56 1.46
N ASP A 258 -20.01 -10.64 0.73
CA ASP A 258 -19.35 -11.90 0.98
C ASP A 258 -17.83 -11.69 1.12
N SER A 259 -17.27 -12.14 2.22
CA SER A 259 -15.85 -11.90 2.45
C SER A 259 -14.91 -12.59 1.52
N PHE A 260 -15.37 -13.60 0.74
CA PHE A 260 -14.42 -14.24 -0.20
C PHE A 260 -14.14 -13.19 -1.27
N TYR A 261 -15.15 -12.32 -1.49
CA TYR A 261 -15.12 -11.27 -2.46
C TYR A 261 -14.73 -9.90 -1.88
N TYR A 262 -15.06 -9.55 -0.67
CA TYR A 262 -14.76 -8.20 -0.18
C TYR A 262 -14.01 -8.17 1.13
N GLY A 263 -13.59 -9.33 1.63
CA GLY A 263 -12.97 -9.44 2.96
C GLY A 263 -13.90 -8.82 3.96
N LYS A 264 -13.48 -8.05 4.93
CA LYS A 264 -14.35 -7.37 5.90
C LYS A 264 -14.95 -6.10 5.33
N GLY A 265 -14.58 -5.74 4.08
CA GLY A 265 -15.16 -4.57 3.47
C GLY A 265 -14.20 -3.40 3.29
N LEU A 266 -14.76 -2.27 3.03
CA LEU A 266 -14.09 -1.02 2.71
C LEU A 266 -13.63 -0.37 4.01
N ILE A 267 -12.31 -0.06 4.00
CA ILE A 267 -11.72 0.57 5.17
C ILE A 267 -12.38 1.93 5.39
N ASN A 268 -12.39 2.28 6.71
CA ASN A 268 -12.98 3.58 7.12
C ASN A 268 -11.98 4.13 8.15
N VAL A 269 -11.05 4.98 7.72
CA VAL A 269 -10.00 5.40 8.63
C VAL A 269 -10.51 6.27 9.79
N GLU A 270 -11.65 6.99 9.54
CA GLU A 270 -12.15 7.77 10.67
C GLU A 270 -12.56 6.85 11.82
N ALA A 271 -13.28 5.77 11.52
CA ALA A 271 -13.68 4.81 12.54
C ALA A 271 -12.48 4.07 13.12
N ALA A 272 -11.54 3.67 12.20
CA ALA A 272 -10.37 2.90 12.64
C ALA A 272 -9.46 3.72 13.61
N ALA A 273 -9.43 5.02 13.41
CA ALA A 273 -8.58 5.95 14.17
C ALA A 273 -9.29 6.48 15.41
N GLN A 274 -10.55 6.05 15.66
CA GLN A 274 -11.21 6.53 16.87
C GLN A 274 -10.36 6.14 18.08
CA CA B . 0.15 17.83 -3.64
NA NA C . -3.03 -12.33 4.35
C1 1BH D . 7.77 -11.41 -8.16
C3 1BH D . 6.74 -9.78 -9.24
O4 1BH D . 1.84 -5.64 -11.35
O5 1BH D . -1.80 -3.58 -9.51
C7 1BH D . 2.32 -5.33 -10.22
C8 1BH D . 0.10 -5.14 -9.24
C9 1BH D . -0.45 -3.79 -9.41
C21 1BH D . 7.53 -12.31 -6.95
C22 1BH D . 6.52 -12.02 -6.05
C24 1BH D . 6.94 -13.92 -4.67
N1 1BH D . 5.54 -9.64 -9.80
C4 1BH D . 5.24 -8.68 -10.82
C41 1BH D . 4.16 -9.16 -11.77
C5 1BH D . 4.47 -7.51 -10.10
O3 1BH D . 3.86 -7.66 -9.01
N2 1BH D . 4.63 -6.29 -10.63
CD 1BH D . 5.34 -5.85 -11.83
C6 1BH D . 3.86 -5.17 -9.96
C61 1BH D . 4.37 -3.93 -10.71
CG 1BH D . 5.15 -4.36 -11.91
N3 1BH D . 1.60 -5.05 -9.13
C81 1BH D . -0.39 -5.84 -7.94
C82 1BH D . -0.25 -7.32 -7.98
C83 1BH D . -0.31 -8.07 -6.80
C87 1BH D . -0.07 -7.99 -9.20
C84 1BH D . -0.21 -9.45 -6.72
C86 1BH D . 0.07 -9.36 -9.13
C85 1BH D . -0.04 -10.08 -7.98
CC 1BH D . 0.13 -2.83 -10.38
O1 1BH D . 6.54 -10.66 -8.29
C26 1BH D . 8.31 -13.44 -6.70
C23 1BH D . 6.20 -12.79 -4.93
C25 1BH D . 7.99 -14.18 -5.56
O2 1BH D . 7.78 -9.92 -9.96
#